data_7O0L
#
_entry.id   7O0L
#
_cell.length_a   64.150
_cell.length_b   64.150
_cell.length_c   225.880
_cell.angle_alpha   90.000
_cell.angle_beta   90.000
_cell.angle_gamma   120.000
#
_symmetry.space_group_name_H-M   'P 32 2 1'
#
loop_
_entity.id
_entity.type
_entity.pdbx_description
1 polymer 'N6-adenosine-methyltransferase non-catalytic subunit'
2 polymer 'N6-adenosine-methyltransferase catalytic subunit'
3 non-polymer 'ACETATE ION'
4 non-polymer 4-[6-[(4,4-dimethylpiperidin-1-yl)methyl]pyridin-3-yl]-9-[6-[(phenylmethyl)amino]pyrimidin-4-yl]-1,4,9-triazaspiro[5.5]undecan-2-one
5 water water
#
loop_
_entity_poly.entity_id
_entity_poly.type
_entity_poly.pdbx_seq_one_letter_code
_entity_poly.pdbx_strand_id
1 'polypeptide(L)'
;MLKGTQSLNPHNDYCQHFVDTGHRPQNFIRDVGLADRFEEYPKLRELIRLKDELIAKSNTPPMYLQADIEAFDIRELTPK
FDVILLEPPLEEYYRETGITANEKCWTWDDIMKLEIDEIAAPRSFIFLWCGSGEGLDLGRVCLRKWGYRRCEDICWIKTN
KNNPGKTKTLDPKAVFQRTKEHCLMGIKGTVKRSTDGDFIHANVDIDLIITEEPEIGNIEKPVEIFHIIEHFCLGRRRLH
LFGRDSTIRPGWLTVGPTLTNSNYNAETYASYFSAPNSYLTGCTEEIERL
;
B
2 'polypeptide(L)'
;MGHHHHHHSSGRENLYFQGALTQSVGGDSSADRLFPPQWICCDIRYLDVSILGKFAVVMADPPWDIHMELPYGTLTDDEM
RRLNIPVLQDDGFLFLWVTGRAMELGRECLNLWGYERVDEIIWVKTNQLQRIIRTGRTGHWLNHGKEHCLVGVKGNPQGF
NQGLDCDVIVAEVRSTSHKPDEIYGMIERLSPGTRKIELFGRPHNVQPNWITLGNQLDGIHLLDPDVVARFKQRYPDGII
SKPKNL
;
A
#
# COMPACT_ATOMS: atom_id res chain seq x y z
N ASN A 12 23.31 8.66 -3.89
CA ASN A 12 22.43 9.20 -4.92
C ASN A 12 20.97 9.31 -4.43
N ASP A 13 20.37 10.48 -4.64
CA ASP A 13 18.96 10.73 -4.32
C ASP A 13 18.14 10.55 -5.60
N TYR A 14 17.49 9.39 -5.77
CA TYR A 14 16.70 9.16 -6.96
C TYR A 14 15.42 9.99 -6.97
N CYS A 15 14.97 10.48 -5.81
CA CYS A 15 13.84 11.40 -5.79
C CYS A 15 14.21 12.74 -6.42
N GLN A 16 15.33 13.33 -5.98
CA GLN A 16 15.87 14.51 -6.63
C GLN A 16 16.10 14.27 -8.11
N HIS A 17 16.68 13.11 -8.45
CA HIS A 17 16.93 12.78 -9.85
C HIS A 17 15.64 12.77 -10.67
N PHE A 18 14.56 12.20 -10.12
CA PHE A 18 13.28 12.23 -10.84
C PHE A 18 12.80 13.66 -11.02
N VAL A 19 12.98 14.50 -10.02
CA VAL A 19 12.62 15.91 -10.17
C VAL A 19 13.45 16.53 -11.30
N ASP A 20 14.72 16.12 -11.40
CA ASP A 20 15.66 16.72 -12.34
C ASP A 20 15.41 16.24 -13.76
N THR A 21 15.03 14.97 -13.92
CA THR A 21 15.05 14.34 -15.24
C THR A 21 13.73 13.74 -15.70
N GLY A 22 12.81 13.41 -14.79
CA GLY A 22 11.60 12.69 -15.16
C GLY A 22 11.73 11.18 -15.15
N HIS A 23 12.92 10.65 -14.87
CA HIS A 23 13.12 9.22 -14.66
C HIS A 23 12.73 8.83 -13.25
N ARG A 24 11.71 8.00 -13.12
CA ARG A 24 11.23 7.56 -11.82
C ARG A 24 12.29 6.74 -11.10
N PRO A 25 12.34 6.83 -9.76
CA PRO A 25 13.36 6.09 -9.01
C PRO A 25 13.37 4.59 -9.30
N GLN A 26 12.20 3.97 -9.57
CA GLN A 26 12.17 2.54 -9.87
C GLN A 26 12.86 2.19 -11.19
N ASN A 27 13.16 3.17 -12.04
CA ASN A 27 13.91 2.91 -13.27
C ASN A 27 15.30 2.36 -12.99
N PHE A 28 15.82 2.54 -11.78
CA PHE A 28 17.20 2.22 -11.45
C PHE A 28 17.33 1.02 -10.52
N ILE A 29 16.22 0.39 -10.15
CA ILE A 29 16.31 -0.94 -9.55
C ILE A 29 16.90 -1.90 -10.57
N ARG A 30 17.87 -2.70 -10.15
CA ARG A 30 18.53 -3.66 -11.01
C ARG A 30 17.99 -5.07 -10.76
N ASP A 31 18.05 -5.90 -11.81
CA ASP A 31 17.53 -7.27 -11.77
C ASP A 31 16.02 -7.27 -11.49
N VAL A 32 15.30 -6.40 -12.21
CA VAL A 32 13.89 -6.13 -11.94
C VAL A 32 13.06 -6.09 -13.22
N LEU A 47 15.99 -24.68 -7.51
CA LEU A 47 15.18 -24.03 -8.54
C LEU A 47 13.68 -24.17 -8.25
N ILE A 48 12.99 -23.02 -8.22
CA ILE A 48 11.54 -22.98 -8.07
C ILE A 48 10.93 -23.12 -9.46
N ARG A 49 11.39 -24.12 -10.21
CA ARG A 49 10.83 -24.47 -11.51
C ARG A 49 10.17 -25.84 -11.56
N LEU A 50 10.48 -26.77 -10.63
CA LEU A 50 9.69 -27.98 -10.45
C LEU A 50 8.32 -27.69 -9.86
N LYS A 51 8.23 -26.72 -8.93
CA LYS A 51 6.94 -26.26 -8.46
C LYS A 51 6.08 -25.74 -9.63
N ASP A 52 6.67 -24.87 -10.46
CA ASP A 52 6.00 -24.42 -11.68
C ASP A 52 5.55 -25.59 -12.56
N GLU A 53 6.34 -26.67 -12.61
CA GLU A 53 5.96 -27.85 -13.38
C GLU A 53 4.81 -28.61 -12.73
N LEU A 54 4.84 -28.78 -11.41
CA LEU A 54 3.73 -29.44 -10.72
C LEU A 54 2.45 -28.62 -10.81
N ILE A 55 2.54 -27.30 -10.61
CA ILE A 55 1.40 -26.43 -10.88
C ILE A 55 0.82 -26.70 -12.26
N ALA A 56 1.69 -26.79 -13.28
CA ALA A 56 1.20 -27.00 -14.64
C ALA A 56 0.49 -28.34 -14.81
N LYS A 57 1.01 -29.39 -14.17
CA LYS A 57 0.37 -30.70 -14.24
C LYS A 57 -0.94 -30.70 -13.48
N SER A 58 -1.00 -29.96 -12.37
CA SER A 58 -2.20 -29.95 -11.54
C SER A 58 -3.32 -29.12 -12.18
N ASN A 59 -2.99 -28.12 -13.00
CA ASN A 59 -3.99 -27.15 -13.45
C ASN A 59 -5.16 -27.84 -14.14
N THR A 60 -6.36 -27.40 -13.80
CA THR A 60 -7.56 -27.75 -14.55
C THR A 60 -7.49 -27.12 -15.93
N PRO A 61 -8.28 -27.63 -16.88
CA PRO A 61 -8.43 -26.92 -18.15
C PRO A 61 -8.91 -25.50 -17.90
N PRO A 62 -8.55 -24.56 -18.77
CA PRO A 62 -9.09 -23.20 -18.62
C PRO A 62 -10.60 -23.22 -18.83
N MET A 63 -11.33 -22.52 -17.96
CA MET A 63 -12.76 -22.35 -18.11
C MET A 63 -13.13 -20.88 -17.99
N TYR A 64 -14.19 -20.51 -18.67
CA TYR A 64 -14.45 -19.09 -18.82
C TYR A 64 -15.93 -18.91 -19.14
N LEU A 65 -16.46 -17.77 -18.74
CA LEU A 65 -17.88 -17.51 -18.85
C LEU A 65 -18.05 -16.02 -19.08
N GLN A 66 -18.71 -15.66 -20.17
CA GLN A 66 -19.15 -14.29 -20.39
C GLN A 66 -20.33 -14.02 -19.47
N ALA A 67 -20.23 -12.97 -18.64
CA ALA A 67 -21.32 -12.67 -17.74
C ALA A 67 -21.24 -11.19 -17.38
N ASP A 68 -22.39 -10.52 -17.38
CA ASP A 68 -22.46 -9.15 -16.90
C ASP A 68 -22.58 -9.23 -15.39
N ILE A 69 -21.44 -9.06 -14.69
CA ILE A 69 -21.34 -9.29 -13.25
C ILE A 69 -22.29 -8.38 -12.46
N GLU A 70 -22.68 -7.23 -13.00
CA GLU A 70 -23.66 -6.39 -12.33
C GLU A 70 -25.05 -7.03 -12.28
N ALA A 71 -25.44 -7.74 -13.35
CA ALA A 71 -26.77 -8.34 -13.49
C ALA A 71 -26.80 -9.84 -13.20
N PHE A 72 -25.69 -10.42 -12.79
CA PHE A 72 -25.51 -11.86 -12.76
C PHE A 72 -25.56 -12.32 -11.31
N ASP A 73 -26.32 -13.40 -11.06
CA ASP A 73 -26.39 -13.99 -9.72
C ASP A 73 -25.09 -14.75 -9.49
N ILE A 74 -24.19 -14.14 -8.72
CA ILE A 74 -22.85 -14.69 -8.56
C ILE A 74 -22.92 -16.10 -7.95
N ARG A 75 -24.02 -16.40 -7.24
CA ARG A 75 -24.16 -17.73 -6.62
C ARG A 75 -24.25 -18.85 -7.64
N GLU A 76 -24.50 -18.54 -8.91
CA GLU A 76 -24.47 -19.57 -9.94
C GLU A 76 -23.07 -20.11 -10.18
N LEU A 77 -22.03 -19.42 -9.66
CA LEU A 77 -20.66 -19.87 -9.81
C LEU A 77 -20.33 -20.82 -8.67
N THR A 78 -20.21 -22.08 -8.99
CA THR A 78 -19.94 -23.13 -8.01
C THR A 78 -18.84 -24.03 -8.56
N PRO A 79 -18.09 -24.73 -7.68
CA PRO A 79 -18.27 -24.70 -6.22
C PRO A 79 -17.60 -23.47 -5.59
N LYS A 80 -17.48 -23.44 -4.26
CA LYS A 80 -16.85 -22.32 -3.58
C LYS A 80 -15.35 -22.31 -3.87
N PHE A 81 -14.79 -21.11 -4.00
CA PHE A 81 -13.45 -20.97 -4.55
C PHE A 81 -12.40 -20.89 -3.46
N ASP A 82 -11.24 -21.45 -3.78
CA ASP A 82 -10.09 -21.36 -2.89
C ASP A 82 -9.39 -20.01 -3.03
N VAL A 83 -9.37 -19.48 -4.25
CA VAL A 83 -8.72 -18.22 -4.57
C VAL A 83 -9.65 -17.42 -5.47
N ILE A 84 -9.79 -16.13 -5.16
CA ILE A 84 -10.53 -15.22 -6.02
C ILE A 84 -9.59 -14.08 -6.37
N LEU A 85 -9.45 -13.81 -7.66
CA LEU A 85 -8.74 -12.64 -8.16
C LEU A 85 -9.79 -11.69 -8.70
N LEU A 86 -9.85 -10.50 -8.15
CA LEU A 86 -10.92 -9.56 -8.47
C LEU A 86 -10.33 -8.29 -9.03
N GLU A 87 -10.73 -7.96 -10.26
CA GLU A 87 -10.07 -6.94 -11.07
C GLU A 87 -11.11 -5.99 -11.66
N PRO A 88 -11.93 -5.34 -10.82
CA PRO A 88 -13.00 -4.45 -11.35
C PRO A 88 -12.42 -3.31 -12.16
N PRO A 89 -13.07 -2.94 -13.26
CA PRO A 89 -12.55 -1.84 -14.09
C PRO A 89 -12.83 -0.47 -13.47
N LEU A 90 -11.85 0.06 -12.73
CA LEU A 90 -11.99 1.37 -12.08
C LEU A 90 -11.85 2.53 -13.06
N GLU A 91 -12.58 3.62 -12.79
CA GLU A 91 -12.52 4.81 -13.64
C GLU A 91 -11.09 5.32 -13.81
N GLU A 92 -10.29 5.28 -12.74
CA GLU A 92 -8.91 5.78 -12.82
C GLU A 92 -8.07 5.01 -13.84
N TYR A 93 -8.45 3.78 -14.18
CA TYR A 93 -7.72 3.06 -15.22
C TYR A 93 -7.88 3.72 -16.58
N TYR A 94 -8.98 4.44 -16.79
CA TYR A 94 -9.25 5.14 -18.05
C TYR A 94 -8.98 6.63 -17.88
N ARG A 95 -7.69 6.95 -17.80
CA ARG A 95 -7.23 8.33 -17.72
C ARG A 95 -7.52 9.04 -19.04
N GLU A 96 -6.76 8.72 -20.07
CA GLU A 96 -7.04 9.20 -21.42
C GLU A 96 -7.73 8.09 -22.22
N THR A 97 -8.96 7.77 -21.78
CA THR A 97 -9.78 6.76 -22.43
C THR A 97 -11.21 6.78 -21.88
N LYS A 104 -17.86 0.12 -19.38
CA LYS A 104 -18.58 0.38 -18.14
C LYS A 104 -17.67 0.32 -16.92
N CYS A 105 -17.33 1.47 -16.34
CA CYS A 105 -16.49 1.50 -15.16
C CYS A 105 -17.27 1.16 -13.89
N TRP A 106 -16.57 0.55 -12.94
CA TRP A 106 -17.14 0.09 -11.68
C TRP A 106 -16.69 1.04 -10.57
N THR A 107 -17.64 1.61 -9.84
CA THR A 107 -17.29 2.39 -8.67
C THR A 107 -17.08 1.47 -7.48
N TRP A 108 -16.42 2.00 -6.43
CA TRP A 108 -16.32 1.23 -5.21
C TRP A 108 -17.68 0.99 -4.56
N ASP A 109 -18.66 1.85 -4.83
CA ASP A 109 -20.04 1.57 -4.46
C ASP A 109 -20.49 0.24 -5.07
N ASP A 110 -20.32 0.07 -6.39
CA ASP A 110 -20.66 -1.17 -7.06
C ASP A 110 -19.88 -2.35 -6.50
N ILE A 111 -18.57 -2.18 -6.34
CA ILE A 111 -17.72 -3.32 -6.00
C ILE A 111 -18.08 -3.85 -4.62
N MET A 112 -18.20 -2.95 -3.64
CA MET A 112 -18.55 -3.29 -2.27
C MET A 112 -19.88 -4.03 -2.16
N LYS A 113 -20.79 -3.89 -3.12
CA LYS A 113 -22.08 -4.59 -3.08
C LYS A 113 -22.05 -5.96 -3.75
N LEU A 114 -20.89 -6.39 -4.27
CA LEU A 114 -20.74 -7.77 -4.74
C LEU A 114 -20.78 -8.73 -3.56
N GLU A 115 -21.53 -9.82 -3.69
CA GLU A 115 -21.61 -10.76 -2.57
C GLU A 115 -20.54 -11.85 -2.70
N ILE A 116 -19.29 -11.39 -2.58
CA ILE A 116 -18.13 -12.27 -2.71
C ILE A 116 -18.13 -13.33 -1.62
N ASP A 117 -18.59 -12.99 -0.42
CA ASP A 117 -18.58 -13.97 0.66
C ASP A 117 -19.49 -15.17 0.35
N GLU A 118 -20.43 -15.03 -0.58
CA GLU A 118 -21.33 -16.13 -0.90
C GLU A 118 -20.68 -17.18 -1.79
N ILE A 119 -19.54 -16.88 -2.41
CA ILE A 119 -18.87 -17.85 -3.28
C ILE A 119 -17.48 -18.22 -2.81
N ALA A 120 -16.98 -17.61 -1.73
CA ALA A 120 -15.67 -17.93 -1.20
C ALA A 120 -15.75 -19.13 -0.26
N ALA A 121 -14.80 -20.05 -0.37
CA ALA A 121 -14.77 -21.18 0.55
C ALA A 121 -14.40 -20.70 1.96
N PRO A 122 -14.81 -21.46 3.00
CA PRO A 122 -14.56 -21.01 4.40
C PRO A 122 -13.11 -20.70 4.70
N ARG A 123 -12.19 -21.48 4.17
CA ARG A 123 -10.77 -21.13 4.14
C ARG A 123 -10.49 -20.75 2.70
N SER A 124 -10.11 -19.48 2.46
CA SER A 124 -9.84 -19.06 1.09
C SER A 124 -9.13 -17.72 1.10
N PHE A 125 -8.75 -17.30 -0.11
CA PHE A 125 -7.89 -16.15 -0.33
C PHE A 125 -8.51 -15.25 -1.39
N ILE A 126 -8.23 -13.96 -1.29
CA ILE A 126 -8.69 -13.00 -2.28
C ILE A 126 -7.51 -12.11 -2.65
N PHE A 127 -7.46 -11.73 -3.93
CA PHE A 127 -6.47 -10.79 -4.45
C PHE A 127 -7.26 -9.70 -5.17
N LEU A 128 -7.25 -8.51 -4.59
CA LEU A 128 -8.09 -7.40 -5.06
C LEU A 128 -7.20 -6.29 -5.60
N TRP A 129 -7.27 -6.05 -6.92
CA TRP A 129 -6.61 -4.88 -7.50
C TRP A 129 -7.34 -3.61 -7.05
N CYS A 130 -6.62 -2.69 -6.38
CA CYS A 130 -7.22 -1.53 -5.73
C CYS A 130 -6.81 -0.20 -6.36
N GLY A 131 -5.95 -0.22 -7.36
CA GLY A 131 -5.52 1.03 -8.00
C GLY A 131 -4.54 1.77 -7.14
N SER A 132 -4.66 3.08 -7.10
CA SER A 132 -3.68 3.90 -6.41
C SER A 132 -4.31 5.05 -5.63
N GLY A 133 -5.63 5.14 -5.57
CA GLY A 133 -6.30 6.24 -4.91
C GLY A 133 -7.19 5.76 -3.78
N GLU A 134 -8.48 6.14 -3.81
CA GLU A 134 -9.40 5.81 -2.72
C GLU A 134 -9.60 4.30 -2.58
N GLY A 135 -9.30 3.53 -3.62
CA GLY A 135 -9.38 2.07 -3.51
C GLY A 135 -8.48 1.47 -2.45
N LEU A 136 -7.37 2.15 -2.11
CA LEU A 136 -6.51 1.60 -1.08
C LEU A 136 -7.22 1.59 0.26
N ASP A 137 -8.21 2.45 0.45
CA ASP A 137 -9.04 2.44 1.64
C ASP A 137 -10.30 1.62 1.44
N LEU A 138 -11.05 1.91 0.37
CA LEU A 138 -12.31 1.22 0.11
C LEU A 138 -12.10 -0.27 -0.17
N GLY A 139 -10.98 -0.63 -0.80
CA GLY A 139 -10.70 -2.05 -0.96
C GLY A 139 -10.51 -2.77 0.34
N ARG A 140 -9.93 -2.10 1.34
CA ARG A 140 -9.85 -2.70 2.66
C ARG A 140 -11.24 -2.82 3.30
N VAL A 141 -12.11 -1.82 3.10
CA VAL A 141 -13.48 -1.95 3.58
C VAL A 141 -14.14 -3.18 2.95
N CYS A 142 -13.96 -3.36 1.63
CA CYS A 142 -14.50 -4.54 0.95
C CYS A 142 -13.98 -5.84 1.57
N LEU A 143 -12.66 -5.98 1.71
CA LEU A 143 -12.13 -7.20 2.31
C LEU A 143 -12.77 -7.51 3.66
N ARG A 144 -12.88 -6.53 4.54
CA ARG A 144 -13.49 -6.84 5.84
C ARG A 144 -14.97 -7.18 5.66
N LYS A 145 -15.65 -6.44 4.77
CA LYS A 145 -17.06 -6.70 4.52
C LYS A 145 -17.28 -8.15 4.12
N TRP A 146 -16.37 -8.71 3.34
CA TRP A 146 -16.51 -10.06 2.83
C TRP A 146 -15.91 -11.10 3.76
N GLY A 147 -15.37 -10.69 4.89
CA GLY A 147 -14.89 -11.62 5.88
C GLY A 147 -13.43 -11.97 5.80
N TYR A 148 -12.62 -11.19 5.08
CA TYR A 148 -11.19 -11.44 5.00
C TYR A 148 -10.41 -10.49 5.91
N ARG A 149 -9.19 -10.88 6.25
CA ARG A 149 -8.22 -9.96 6.82
C ARG A 149 -7.07 -9.81 5.82
N ARG A 150 -6.55 -8.60 5.70
CA ARG A 150 -5.44 -8.36 4.80
C ARG A 150 -4.17 -8.96 5.35
N CYS A 151 -3.49 -9.79 4.55
CA CYS A 151 -2.20 -10.32 4.99
C CYS A 151 -1.01 -9.84 4.17
N GLU A 152 -1.22 -9.40 2.93
CA GLU A 152 -0.14 -8.79 2.16
C GLU A 152 -0.69 -7.66 1.32
N ASP A 153 0.21 -6.77 0.93
CA ASP A 153 -0.09 -5.63 0.07
C ASP A 153 0.96 -5.74 -1.03
N ILE A 154 0.54 -6.18 -2.22
CA ILE A 154 1.44 -6.40 -3.34
C ILE A 154 1.41 -5.15 -4.21
N CYS A 155 2.57 -4.56 -4.45
N CYS A 155 2.57 -4.54 -4.43
CA CYS A 155 2.67 -3.30 -5.15
CA CYS A 155 2.66 -3.29 -5.17
C CYS A 155 3.22 -3.51 -6.55
C CYS A 155 3.22 -3.53 -6.56
N TRP A 156 2.47 -3.09 -7.56
CA TRP A 156 2.92 -3.09 -8.95
C TRP A 156 3.56 -1.73 -9.19
N ILE A 157 4.88 -1.71 -9.26
CA ILE A 157 5.64 -0.49 -9.47
C ILE A 157 5.93 -0.35 -10.97
N LYS A 158 5.61 0.81 -11.52
CA LYS A 158 5.69 1.01 -12.97
C LYS A 158 6.86 1.92 -13.33
N THR A 159 7.80 1.38 -14.12
CA THR A 159 8.91 2.19 -14.61
C THR A 159 8.48 3.02 -15.83
N ASN A 160 9.28 4.05 -16.15
CA ASN A 160 9.04 4.85 -17.33
C ASN A 160 10.33 5.02 -18.12
N LYS A 161 11.10 3.93 -18.21
CA LYS A 161 12.39 3.95 -18.90
C LYS A 161 12.24 4.37 -20.36
N ASN A 162 11.13 4.01 -20.98
CA ASN A 162 10.91 4.34 -22.38
C ASN A 162 10.28 5.70 -22.60
N ASN A 163 9.88 6.39 -21.55
CA ASN A 163 9.22 7.63 -21.87
C ASN A 163 9.43 8.59 -20.71
N PRO A 164 10.69 8.87 -20.34
CA PRO A 164 10.96 9.69 -19.14
C PRO A 164 10.32 11.05 -19.16
N GLY A 165 10.18 11.67 -20.33
CA GLY A 165 9.63 13.01 -20.38
C GLY A 165 8.14 13.05 -20.05
N LYS A 166 7.37 12.15 -20.68
CA LYS A 166 5.92 12.10 -20.50
C LYS A 166 5.54 12.19 -19.03
N THR A 167 5.11 13.37 -18.60
CA THR A 167 4.76 13.61 -17.21
C THR A 167 3.41 12.96 -16.87
N LYS A 168 2.76 13.43 -15.82
CA LYS A 168 1.55 12.77 -15.33
C LYS A 168 0.50 13.81 -14.95
N THR A 169 -0.72 13.65 -15.46
CA THR A 169 -1.84 14.46 -15.02
C THR A 169 -2.38 13.88 -13.70
N LEU A 170 -2.48 14.72 -12.68
CA LEU A 170 -2.67 14.26 -11.31
C LEU A 170 -4.13 14.29 -10.88
N ASP A 171 -4.51 13.27 -10.10
CA ASP A 171 -5.71 13.35 -9.26
C ASP A 171 -5.77 14.69 -8.52
N PRO A 172 -6.94 15.32 -8.44
CA PRO A 172 -7.06 16.54 -7.61
C PRO A 172 -6.52 16.38 -6.19
N LYS A 173 -6.79 15.26 -5.53
CA LYS A 173 -6.33 15.09 -4.15
C LYS A 173 -4.88 14.61 -4.05
N ALA A 174 -4.27 14.22 -5.17
CA ALA A 174 -2.91 13.69 -5.12
C ALA A 174 -1.91 14.74 -4.63
N VAL A 175 -0.93 14.26 -3.87
CA VAL A 175 0.18 15.06 -3.38
C VAL A 175 1.42 14.75 -4.22
N PHE A 176 1.44 13.55 -4.79
CA PHE A 176 2.60 13.04 -5.51
C PHE A 176 2.16 12.41 -6.82
N GLN A 177 3.09 12.24 -7.75
CA GLN A 177 2.79 11.54 -8.99
C GLN A 177 2.63 10.07 -8.65
N ARG A 178 1.54 9.46 -9.12
CA ARG A 178 1.21 8.07 -8.80
C ARG A 178 1.81 7.14 -9.85
N THR A 179 2.72 6.26 -9.41
CA THR A 179 3.50 5.41 -10.31
C THR A 179 3.40 3.93 -9.95
N LYS A 180 2.37 3.55 -9.20
CA LYS A 180 2.17 2.19 -8.75
C LYS A 180 0.68 1.90 -8.57
N GLU A 181 0.36 0.61 -8.52
CA GLU A 181 -0.97 0.10 -8.19
C GLU A 181 -0.80 -0.98 -7.12
N HIS A 182 -1.82 -1.12 -6.27
CA HIS A 182 -1.77 -2.09 -5.19
C HIS A 182 -2.75 -3.23 -5.43
N CYS A 183 -2.30 -4.45 -5.18
CA CYS A 183 -3.14 -5.64 -5.16
C CYS A 183 -3.13 -6.18 -3.75
N LEU A 184 -4.27 -6.08 -3.05
CA LEU A 184 -4.35 -6.51 -1.66
C LEU A 184 -4.69 -8.00 -1.56
N MET A 185 -3.95 -8.71 -0.73
CA MET A 185 -4.20 -10.12 -0.49
C MET A 185 -4.92 -10.31 0.85
N GLY A 186 -6.06 -11.00 0.80
CA GLY A 186 -6.88 -11.23 1.98
C GLY A 186 -7.02 -12.72 2.23
N ILE A 187 -7.16 -13.08 3.49
CA ILE A 187 -7.30 -14.48 3.89
C ILE A 187 -8.54 -14.59 4.78
N LYS A 188 -9.24 -15.71 4.68
CA LYS A 188 -10.30 -15.96 5.64
C LYS A 188 -10.20 -17.41 6.06
N GLY A 189 -10.50 -17.66 7.31
CA GLY A 189 -10.37 -19.00 7.85
C GLY A 189 -9.01 -19.21 8.50
N THR A 190 -8.78 -20.47 8.88
CA THR A 190 -7.54 -20.86 9.54
C THR A 190 -6.32 -20.65 8.64
N VAL A 204 8.87 -17.90 -1.54
CA VAL A 204 9.85 -17.61 -2.59
C VAL A 204 9.67 -16.22 -3.24
N ASP A 205 8.49 -15.62 -3.13
CA ASP A 205 8.17 -14.38 -3.85
C ASP A 205 8.26 -13.15 -2.94
N ILE A 206 8.31 -11.99 -3.58
CA ILE A 206 8.43 -10.70 -2.92
C ILE A 206 7.10 -9.97 -3.15
N ASP A 207 6.78 -9.00 -2.30
CA ASP A 207 5.53 -8.26 -2.49
C ASP A 207 5.65 -7.10 -3.48
N LEU A 208 6.48 -7.25 -4.52
CA LEU A 208 6.67 -6.19 -5.51
C LEU A 208 6.65 -6.80 -6.90
N ILE A 209 6.02 -6.11 -7.84
CA ILE A 209 6.08 -6.43 -9.25
C ILE A 209 6.54 -5.18 -9.96
N ILE A 210 7.59 -5.29 -10.79
CA ILE A 210 8.17 -4.13 -11.46
C ILE A 210 8.17 -4.37 -12.97
N THR A 211 7.39 -3.57 -13.69
CA THR A 211 7.34 -3.61 -15.14
C THR A 211 7.22 -2.18 -15.66
N GLU A 212 7.38 -2.03 -16.98
CA GLU A 212 7.25 -0.72 -17.58
C GLU A 212 5.79 -0.31 -17.65
N GLU A 213 5.53 0.98 -17.43
CA GLU A 213 4.17 1.47 -17.50
C GLU A 213 3.59 1.13 -18.87
N PRO A 214 2.44 0.47 -18.95
CA PRO A 214 1.88 0.11 -20.26
C PRO A 214 1.39 1.34 -21.02
N GLU A 215 1.18 1.16 -22.32
CA GLU A 215 0.68 2.24 -23.15
C GLU A 215 -0.69 2.70 -22.66
N ILE A 216 -0.97 3.99 -22.88
CA ILE A 216 -2.28 4.52 -22.54
C ILE A 216 -3.37 3.67 -23.20
N GLY A 217 -4.48 3.47 -22.46
CA GLY A 217 -5.57 2.63 -22.89
C GLY A 217 -5.38 1.15 -22.63
N ASN A 218 -4.20 0.73 -22.18
CA ASN A 218 -3.94 -0.65 -21.82
C ASN A 218 -4.20 -0.82 -20.33
N ILE A 219 -5.23 -1.61 -19.99
CA ILE A 219 -5.67 -1.81 -18.63
C ILE A 219 -5.15 -3.10 -18.03
N GLU A 220 -4.38 -3.87 -18.77
CA GLU A 220 -3.98 -5.19 -18.27
C GLU A 220 -3.08 -5.05 -17.06
N LYS A 221 -3.23 -5.95 -16.14
CA LYS A 221 -2.32 -6.06 -15.01
C LYS A 221 -1.23 -7.05 -15.34
N PRO A 222 -0.07 -6.95 -14.71
CA PRO A 222 1.03 -7.86 -15.02
C PRO A 222 0.67 -9.31 -14.71
N VAL A 223 0.99 -10.21 -15.66
CA VAL A 223 0.69 -11.64 -15.51
C VAL A 223 1.46 -12.23 -14.34
N GLU A 224 2.53 -11.54 -13.90
CA GLU A 224 3.30 -11.97 -12.74
C GLU A 224 2.42 -12.17 -11.50
N ILE A 225 1.30 -11.44 -11.40
CA ILE A 225 0.43 -11.65 -10.24
C ILE A 225 -0.09 -13.09 -10.22
N PHE A 226 -0.30 -13.70 -11.40
CA PHE A 226 -0.73 -15.10 -11.43
C PHE A 226 0.36 -16.00 -10.88
N HIS A 227 1.63 -15.70 -11.21
CA HIS A 227 2.73 -16.50 -10.70
C HIS A 227 2.80 -16.45 -9.19
N ILE A 228 2.72 -15.25 -8.62
CA ILE A 228 2.72 -15.13 -7.16
C ILE A 228 1.58 -15.96 -6.57
N ILE A 229 0.37 -15.81 -7.11
CA ILE A 229 -0.77 -16.52 -6.53
C ILE A 229 -0.56 -18.02 -6.62
N GLU A 230 -0.16 -18.51 -7.80
CA GLU A 230 -0.06 -19.95 -7.97
C GLU A 230 1.07 -20.54 -7.13
N HIS A 231 2.16 -19.79 -6.95
CA HIS A 231 3.24 -20.24 -6.07
C HIS A 231 2.84 -20.36 -4.61
N PHE A 232 1.72 -19.78 -4.19
CA PHE A 232 1.27 -19.96 -2.81
C PHE A 232 0.70 -21.35 -2.55
N CYS A 233 0.37 -22.12 -3.58
CA CYS A 233 -0.21 -23.47 -3.45
C CYS A 233 -1.45 -23.47 -2.54
N LEU A 234 -2.44 -22.67 -2.93
CA LEU A 234 -3.62 -22.41 -2.10
C LEU A 234 -4.82 -23.30 -2.39
N GLY A 235 -4.73 -24.19 -3.37
CA GLY A 235 -5.91 -24.90 -3.83
C GLY A 235 -6.17 -24.62 -5.30
N ARG A 236 -7.03 -25.46 -5.87
CA ARG A 236 -7.18 -25.51 -7.31
C ARG A 236 -8.45 -24.83 -7.83
N ARG A 237 -9.38 -24.42 -6.97
CA ARG A 237 -10.58 -23.73 -7.42
CA ARG A 237 -10.59 -23.73 -7.40
C ARG A 237 -10.24 -22.25 -7.44
N ARG A 238 -9.90 -21.73 -8.64
CA ARG A 238 -9.42 -20.37 -8.81
C ARG A 238 -10.31 -19.58 -9.75
N LEU A 239 -10.78 -18.43 -9.26
CA LEU A 239 -11.74 -17.60 -9.97
C LEU A 239 -11.12 -16.23 -10.25
N HIS A 240 -11.22 -15.78 -11.50
CA HIS A 240 -10.76 -14.45 -11.89
C HIS A 240 -11.97 -13.66 -12.35
N LEU A 241 -12.40 -12.72 -11.51
CA LEU A 241 -13.57 -11.92 -11.85
C LEU A 241 -13.12 -10.65 -12.56
N PHE A 242 -13.84 -10.31 -13.64
CA PHE A 242 -13.52 -9.25 -14.59
C PHE A 242 -12.27 -9.55 -15.41
N GLY A 243 -11.97 -10.83 -15.62
CA GLY A 243 -10.98 -11.22 -16.62
C GLY A 243 -11.49 -10.99 -18.03
N ARG A 244 -10.61 -11.22 -19.01
CA ARG A 244 -10.88 -10.95 -20.42
C ARG A 244 -10.40 -12.14 -21.23
N ASP A 245 -10.72 -12.16 -22.53
CA ASP A 245 -10.16 -13.22 -23.37
C ASP A 245 -8.64 -13.30 -23.18
N SER A 246 -7.99 -12.14 -23.01
CA SER A 246 -6.53 -12.07 -22.93
C SER A 246 -5.97 -12.63 -21.62
N THR A 247 -6.79 -12.80 -20.59
CA THR A 247 -6.27 -13.28 -19.31
C THR A 247 -6.58 -14.75 -19.06
N ILE A 248 -7.36 -15.38 -19.94
CA ILE A 248 -7.72 -16.79 -19.71
C ILE A 248 -6.46 -17.63 -19.59
N ARG A 249 -6.49 -18.58 -18.65
CA ARG A 249 -5.28 -19.23 -18.20
C ARG A 249 -5.60 -20.62 -17.69
N PRO A 250 -4.76 -21.63 -17.93
CA PRO A 250 -5.02 -22.94 -17.33
C PRO A 250 -5.04 -22.83 -15.82
N GLY A 251 -5.90 -23.63 -15.21
CA GLY A 251 -6.05 -23.63 -13.77
C GLY A 251 -6.96 -22.55 -13.23
N TRP A 252 -7.59 -21.77 -14.10
CA TRP A 252 -8.42 -20.65 -13.69
C TRP A 252 -9.76 -20.72 -14.38
N LEU A 253 -10.81 -20.34 -13.64
CA LEU A 253 -12.12 -19.98 -14.18
C LEU A 253 -12.16 -18.46 -14.30
N THR A 254 -12.36 -17.96 -15.51
CA THR A 254 -12.39 -16.53 -15.79
C THR A 254 -13.83 -16.11 -16.10
N VAL A 255 -14.34 -15.12 -15.36
CA VAL A 255 -15.71 -14.63 -15.57
C VAL A 255 -15.69 -13.12 -15.81
N GLY A 256 -16.32 -12.68 -16.88
CA GLY A 256 -16.26 -11.27 -17.20
C GLY A 256 -17.16 -10.85 -18.35
N PRO A 257 -17.53 -9.56 -18.36
CA PRO A 257 -18.49 -9.08 -19.38
C PRO A 257 -17.96 -9.08 -20.81
N THR A 258 -16.67 -8.90 -21.04
CA THR A 258 -16.19 -8.74 -22.41
C THR A 258 -15.73 -10.04 -23.05
N LEU A 259 -15.81 -11.16 -22.34
CA LEU A 259 -15.47 -12.45 -22.93
C LEU A 259 -16.29 -12.66 -24.19
N THR A 260 -15.64 -13.17 -25.23
CA THR A 260 -16.35 -13.39 -26.50
C THR A 260 -16.95 -14.78 -26.57
N ASN A 261 -16.44 -15.73 -25.79
CA ASN A 261 -16.92 -17.10 -25.77
C ASN A 261 -16.99 -17.58 -24.33
N SER A 262 -17.78 -18.65 -24.15
CA SER A 262 -17.88 -19.37 -22.87
C SER A 262 -17.74 -20.87 -23.09
N ASN A 263 -17.21 -21.55 -22.08
CA ASN A 263 -17.27 -23.01 -22.02
C ASN A 263 -17.65 -23.49 -20.62
N TYR A 264 -18.08 -22.59 -19.74
CA TYR A 264 -18.31 -22.93 -18.34
C TYR A 264 -19.54 -23.83 -18.22
N ASN A 265 -19.39 -24.90 -17.48
CA ASN A 265 -20.52 -25.75 -17.11
C ASN A 265 -20.26 -26.15 -15.67
N ALA A 266 -21.16 -25.78 -14.78
CA ALA A 266 -20.92 -25.94 -13.34
C ALA A 266 -20.66 -27.39 -12.96
N GLU A 267 -21.38 -28.32 -13.57
CA GLU A 267 -21.17 -29.73 -13.26
C GLU A 267 -19.83 -30.23 -13.78
N THR A 268 -19.48 -29.87 -15.01
CA THR A 268 -18.15 -30.21 -15.51
C THR A 268 -17.06 -29.60 -14.63
N TYR A 269 -17.25 -28.35 -14.22
CA TYR A 269 -16.22 -27.71 -13.40
C TYR A 269 -16.05 -28.43 -12.07
N ALA A 270 -17.17 -28.75 -11.41
CA ALA A 270 -17.12 -29.45 -10.13
C ALA A 270 -16.43 -30.80 -10.25
N SER A 271 -16.60 -31.48 -11.39
CA SER A 271 -15.98 -32.78 -11.57
C SER A 271 -14.46 -32.73 -11.52
N TYR A 272 -13.84 -31.56 -11.78
CA TYR A 272 -12.39 -31.46 -11.65
C TYR A 272 -11.91 -31.60 -10.21
N PHE A 273 -12.80 -31.38 -9.25
CA PHE A 273 -12.42 -31.36 -7.85
C PHE A 273 -13.13 -32.44 -7.03
N SER A 274 -13.92 -33.31 -7.65
CA SER A 274 -14.52 -34.41 -6.93
C SER A 274 -13.44 -35.39 -6.48
N ALA A 275 -13.75 -36.16 -5.43
CA ALA A 275 -12.80 -37.12 -4.88
C ALA A 275 -12.22 -37.99 -5.99
N PRO A 276 -10.93 -38.39 -5.89
CA PRO A 276 -10.03 -38.13 -4.76
C PRO A 276 -9.30 -36.77 -4.78
N ASN A 277 -9.80 -35.79 -5.53
CA ASN A 277 -9.02 -34.59 -5.81
C ASN A 277 -9.51 -33.35 -5.05
N SER A 278 -10.30 -33.54 -3.98
CA SER A 278 -11.01 -32.42 -3.37
C SER A 278 -10.08 -31.42 -2.70
N TYR A 279 -8.92 -31.86 -2.22
CA TYR A 279 -8.11 -31.07 -1.29
C TYR A 279 -6.71 -30.77 -1.79
N LEU A 280 -6.41 -31.04 -3.06
CA LEU A 280 -5.06 -30.80 -3.57
C LEU A 280 -4.70 -29.32 -3.49
N THR A 281 -3.42 -29.06 -3.25
CA THR A 281 -2.93 -27.68 -3.22
C THR A 281 -2.73 -27.08 -4.60
N GLY A 282 -2.73 -27.90 -5.66
CA GLY A 282 -2.27 -27.41 -6.95
C GLY A 282 -0.76 -27.42 -7.11
N CYS A 283 -0.02 -27.91 -6.12
CA CYS A 283 1.44 -27.98 -6.16
C CYS A 283 1.94 -29.41 -5.92
N THR A 284 1.09 -30.40 -6.10
CA THR A 284 1.46 -31.80 -5.88
C THR A 284 1.12 -32.64 -7.12
N GLU A 285 1.58 -33.89 -7.07
CA GLU A 285 1.37 -34.79 -8.19
C GLU A 285 -0.10 -35.20 -8.25
N GLU A 286 -0.56 -35.46 -9.48
CA GLU A 286 -1.92 -35.94 -9.66
C GLU A 286 -2.11 -37.28 -8.95
N ILE A 287 -3.34 -37.52 -8.50
CA ILE A 287 -3.69 -38.77 -7.81
C ILE A 287 -4.05 -39.82 -8.86
N GLU A 288 -3.29 -40.92 -8.90
CA GLU A 288 -3.49 -41.99 -9.88
C GLU A 288 -4.83 -42.71 -9.71
N LEU B 34 12.44 29.57 13.55
CA LEU B 34 13.91 29.53 13.53
C LEU B 34 14.44 28.24 12.87
N PHE B 35 14.89 28.43 11.64
CA PHE B 35 15.40 27.50 10.63
C PHE B 35 16.21 26.31 11.14
N PRO B 36 17.19 26.48 12.04
CA PRO B 36 18.08 25.34 12.39
C PRO B 36 17.34 24.26 13.17
N PRO B 37 17.88 23.04 13.23
CA PRO B 37 17.17 21.94 13.90
C PRO B 37 16.85 22.23 15.37
N GLN B 38 15.68 21.76 15.80
CA GLN B 38 15.25 21.87 17.19
C GLN B 38 14.68 20.52 17.61
N TRP B 39 14.75 20.23 18.91
CA TRP B 39 14.22 18.96 19.41
C TRP B 39 13.82 19.08 20.87
N ILE B 40 13.03 18.10 21.31
CA ILE B 40 12.54 18.01 22.69
C ILE B 40 12.60 16.54 23.06
N CYS B 41 13.48 16.19 24.00
CA CYS B 41 13.42 14.90 24.65
C CYS B 41 12.18 14.84 25.53
N CYS B 42 11.30 13.88 25.28
CA CYS B 42 10.05 13.83 26.03
C CYS B 42 9.40 12.48 25.79
N ASP B 43 8.45 12.15 26.67
CA ASP B 43 7.49 11.08 26.41
C ASP B 43 6.35 11.70 25.63
N ILE B 44 6.20 11.30 24.37
CA ILE B 44 5.21 11.97 23.53
C ILE B 44 3.80 11.76 24.08
N ARG B 45 3.60 10.73 24.93
CA ARG B 45 2.29 10.52 25.53
C ARG B 45 1.91 11.66 26.47
N TYR B 46 2.90 12.33 27.07
CA TYR B 46 2.65 13.29 28.13
C TYR B 46 2.94 14.75 27.76
N LEU B 47 3.73 15.00 26.73
CA LEU B 47 4.02 16.37 26.35
C LEU B 47 2.74 17.10 25.95
N ASP B 48 2.61 18.34 26.41
CA ASP B 48 1.56 19.24 25.95
C ASP B 48 2.01 19.82 24.61
N VAL B 49 1.54 19.24 23.51
CA VAL B 49 1.98 19.72 22.19
C VAL B 49 1.28 20.99 21.77
N SER B 50 0.30 21.47 22.55
CA SER B 50 -0.31 22.75 22.22
C SER B 50 0.67 23.92 22.32
N ILE B 51 1.83 23.72 22.96
CA ILE B 51 2.83 24.79 23.05
C ILE B 51 3.66 24.96 21.79
N LEU B 52 3.53 24.07 20.80
CA LEU B 52 4.44 24.05 19.66
C LEU B 52 3.94 24.84 18.46
N GLY B 53 2.68 25.27 18.46
CA GLY B 53 2.14 26.00 17.33
C GLY B 53 1.62 25.06 16.24
N LYS B 54 1.45 25.62 15.05
CA LYS B 54 0.87 24.92 13.91
C LYS B 54 1.96 24.61 12.90
N PHE B 55 1.77 23.52 12.15
CA PHE B 55 2.82 23.02 11.26
C PHE B 55 2.28 22.73 9.87
N ALA B 56 3.10 23.02 8.85
CA ALA B 56 2.71 22.69 7.48
C ALA B 56 2.71 21.19 7.25
N VAL B 57 3.64 20.48 7.88
CA VAL B 57 3.79 19.05 7.69
C VAL B 57 4.06 18.42 9.05
N VAL B 58 3.37 17.32 9.33
CA VAL B 58 3.65 16.43 10.46
C VAL B 58 4.18 15.11 9.90
N MET B 59 5.23 14.57 10.49
CA MET B 59 5.58 13.19 10.17
C MET B 59 5.71 12.39 11.45
N ALA B 60 5.27 11.13 11.42
CA ALA B 60 5.36 10.24 12.56
C ALA B 60 5.77 8.85 12.11
N ASP B 61 6.68 8.25 12.86
CA ASP B 61 7.05 6.84 12.65
C ASP B 61 6.82 6.13 13.98
N PRO B 62 5.56 5.80 14.30
CA PRO B 62 5.22 5.42 15.68
C PRO B 62 5.74 4.05 16.03
N PRO B 63 6.04 3.80 17.31
CA PRO B 63 6.33 2.44 17.77
C PRO B 63 5.02 1.70 18.03
N TRP B 64 4.42 1.24 16.94
CA TRP B 64 3.15 0.52 17.00
C TRP B 64 3.29 -0.73 17.88
N ASP B 65 2.23 -1.02 18.63
CA ASP B 65 2.12 -2.27 19.38
C ASP B 65 1.71 -3.42 18.47
N ILE B 66 2.53 -3.67 17.47
CA ILE B 66 2.33 -4.79 16.58
C ILE B 66 3.30 -5.88 17.02
N PRO B 71 13.18 -3.23 22.88
CA PRO B 71 14.25 -2.22 22.99
C PRO B 71 13.71 -0.83 23.30
N TYR B 72 12.73 -0.41 22.50
CA TYR B 72 12.10 0.90 22.65
C TYR B 72 10.70 0.74 23.21
N GLY B 73 10.17 1.86 23.72
CA GLY B 73 8.82 1.87 24.25
C GLY B 73 7.76 2.01 23.18
N THR B 74 6.89 1.00 23.08
CA THR B 74 5.76 1.07 22.17
C THR B 74 4.60 1.81 22.83
N LEU B 75 3.61 2.17 22.01
CA LEU B 75 2.34 2.71 22.50
C LEU B 75 1.22 1.75 22.17
N THR B 76 0.31 1.59 23.12
CA THR B 76 -0.87 0.77 22.86
C THR B 76 -1.73 1.46 21.80
N ASP B 77 -2.62 0.67 21.19
CA ASP B 77 -3.53 1.23 20.20
C ASP B 77 -4.29 2.42 20.75
N ASP B 78 -4.75 2.33 22.00
CA ASP B 78 -5.50 3.43 22.60
C ASP B 78 -4.62 4.67 22.82
N GLU B 79 -3.39 4.48 23.30
CA GLU B 79 -2.48 5.61 23.42
C GLU B 79 -2.24 6.29 22.08
N MET B 80 -2.16 5.49 21.00
CA MET B 80 -1.94 6.06 19.68
C MET B 80 -3.14 6.89 19.25
N ARG B 81 -4.36 6.38 19.45
CA ARG B 81 -5.58 7.11 19.11
C ARG B 81 -5.67 8.41 19.90
N ARG B 82 -5.20 8.41 21.14
CA ARG B 82 -5.36 9.55 22.02
C ARG B 82 -4.29 10.63 21.80
N LEU B 83 -3.28 10.38 20.98
CA LEU B 83 -2.28 11.41 20.70
C LEU B 83 -2.97 12.66 20.19
N ASN B 84 -2.55 13.81 20.73
CA ASN B 84 -3.19 15.07 20.40
C ASN B 84 -2.68 15.65 19.08
N ILE B 85 -2.62 14.81 18.06
CA ILE B 85 -2.28 15.22 16.69
C ILE B 85 -3.20 16.33 16.18
N PRO B 86 -4.51 16.34 16.50
CA PRO B 86 -5.37 17.42 15.94
C PRO B 86 -4.93 18.84 16.23
N VAL B 87 -4.19 19.10 17.32
CA VAL B 87 -3.81 20.47 17.61
C VAL B 87 -2.61 20.94 16.80
N LEU B 88 -1.92 20.02 16.12
CA LEU B 88 -0.67 20.35 15.45
C LEU B 88 -0.84 21.06 14.11
N GLN B 89 -2.01 20.98 13.48
CA GLN B 89 -2.17 21.57 12.15
C GLN B 89 -3.58 22.14 11.98
N ASP B 90 -3.68 23.18 11.15
CA ASP B 90 -4.95 23.63 10.61
C ASP B 90 -5.13 23.21 9.15
N ASP B 91 -4.12 23.45 8.31
CA ASP B 91 -4.14 23.05 6.91
C ASP B 91 -2.77 22.50 6.55
N GLY B 92 -2.69 21.22 6.22
CA GLY B 92 -1.42 20.66 5.78
C GLY B 92 -1.49 19.15 5.69
N PHE B 93 -0.30 18.55 5.65
CA PHE B 93 -0.17 17.13 5.34
C PHE B 93 0.48 16.39 6.49
N LEU B 94 0.05 15.14 6.67
CA LEU B 94 0.59 14.21 7.64
C LEU B 94 1.21 13.03 6.91
N PHE B 95 2.42 12.67 7.31
CA PHE B 95 3.14 11.52 6.78
C PHE B 95 3.26 10.50 7.91
N LEU B 96 2.67 9.31 7.71
CA LEU B 96 2.51 8.33 8.78
C LEU B 96 3.05 6.97 8.36
N TRP B 97 4.19 6.58 8.90
CA TRP B 97 4.77 5.28 8.54
C TRP B 97 3.99 4.17 9.20
N VAL B 98 3.77 3.08 8.47
CA VAL B 98 2.97 1.94 8.91
C VAL B 98 3.60 0.64 8.45
N THR B 99 3.34 -0.42 9.20
CA THR B 99 3.75 -1.76 8.82
C THR B 99 2.77 -2.75 9.41
N GLY B 100 2.73 -3.95 8.83
CA GLY B 100 1.92 -5.01 9.41
C GLY B 100 0.49 -4.54 9.58
N ARG B 101 -0.06 -4.74 10.79
CA ARG B 101 -1.46 -4.42 11.02
C ARG B 101 -1.67 -2.94 11.30
N ALA B 102 -0.59 -2.17 11.48
CA ALA B 102 -0.71 -0.73 11.53
C ALA B 102 -1.09 -0.17 10.18
N MET B 103 -1.00 -0.96 9.10
CA MET B 103 -1.54 -0.52 7.83
C MET B 103 -3.00 -0.14 8.02
N GLU B 104 -3.72 -0.92 8.83
CA GLU B 104 -5.12 -0.64 9.12
C GLU B 104 -5.27 0.29 10.32
N LEU B 105 -4.55 0.02 11.40
CA LEU B 105 -4.63 0.90 12.57
C LEU B 105 -4.17 2.32 12.21
N GLY B 106 -3.11 2.44 11.40
CA GLY B 106 -2.67 3.77 11.02
C GLY B 106 -3.73 4.53 10.24
N ARG B 107 -4.47 3.83 9.36
CA ARG B 107 -5.59 4.45 8.68
C ARG B 107 -6.66 4.90 9.66
N GLU B 108 -6.95 4.06 10.66
CA GLU B 108 -7.89 4.47 11.70
C GLU B 108 -7.42 5.75 12.40
N CYS B 109 -6.20 5.74 12.91
CA CYS B 109 -5.65 6.93 13.55
C CYS B 109 -5.72 8.14 12.63
N LEU B 110 -5.27 7.97 11.39
CA LEU B 110 -5.29 9.07 10.46
C LEU B 110 -6.68 9.68 10.37
N ASN B 111 -7.72 8.83 10.24
CA ASN B 111 -9.07 9.35 10.13
C ASN B 111 -9.57 9.93 11.46
N LEU B 112 -9.30 9.24 12.58
CA LEU B 112 -9.70 9.77 13.89
C LEU B 112 -9.13 11.15 14.13
N TRP B 113 -7.84 11.33 13.84
CA TRP B 113 -7.22 12.63 14.05
C TRP B 113 -7.72 13.68 13.07
N GLY B 114 -8.61 13.33 12.15
CA GLY B 114 -9.19 14.32 11.24
C GLY B 114 -8.53 14.44 9.87
N TYR B 115 -7.81 13.43 9.41
CA TYR B 115 -7.17 13.50 8.09
C TYR B 115 -7.89 12.58 7.10
N GLU B 116 -7.77 12.92 5.82
CA GLU B 116 -8.16 12.03 4.73
C GLU B 116 -6.89 11.50 4.08
N ARG B 117 -6.79 10.18 3.87
CA ARG B 117 -5.59 9.63 3.23
C ARG B 117 -5.68 9.92 1.74
N VAL B 118 -4.67 10.61 1.17
CA VAL B 118 -4.71 11.00 -0.23
C VAL B 118 -3.52 10.47 -1.04
N ASP B 119 -2.56 9.79 -0.43
CA ASP B 119 -1.41 9.16 -1.07
C ASP B 119 -0.81 8.13 -0.15
N GLU B 120 0.03 7.29 -0.75
CA GLU B 120 0.70 6.26 0.00
C GLU B 120 2.07 6.08 -0.65
N ILE B 121 3.09 6.56 0.00
CA ILE B 121 4.47 6.41 -0.50
C ILE B 121 4.95 5.03 -0.15
N ILE B 122 5.65 4.37 -1.06
CA ILE B 122 6.37 3.16 -0.69
C ILE B 122 7.84 3.37 -0.92
N TRP B 123 8.63 2.87 0.03
CA TRP B 123 10.08 2.89 -0.04
C TRP B 123 10.54 1.49 -0.42
N VAL B 124 11.09 1.35 -1.62
CA VAL B 124 11.69 0.10 -2.06
C VAL B 124 13.11 0.02 -1.51
N LYS B 125 13.38 -1.02 -0.72
CA LYS B 125 14.62 -1.16 0.00
C LYS B 125 15.64 -1.86 -0.90
N THR B 126 16.78 -1.21 -1.14
CA THR B 126 17.87 -1.79 -1.90
C THR B 126 19.14 -1.86 -1.08
N ASN B 127 20.12 -2.64 -1.57
CA ASN B 127 21.49 -2.56 -1.09
C ASN B 127 22.24 -1.46 -1.86
N GLN B 128 23.55 -1.37 -1.65
CA GLN B 128 24.35 -0.35 -2.31
C GLN B 128 24.46 -0.57 -3.81
N LEU B 129 24.12 -1.76 -4.31
CA LEU B 129 24.10 -2.04 -5.74
C LEU B 129 22.67 -2.02 -6.34
N GLN B 130 21.72 -1.35 -5.67
CA GLN B 130 20.35 -1.16 -6.19
C GLN B 130 19.62 -2.48 -6.50
N ARG B 131 19.90 -3.50 -5.70
CA ARG B 131 19.12 -4.73 -5.75
C ARG B 131 18.17 -4.76 -4.54
N ILE B 132 16.98 -5.32 -4.75
CA ILE B 132 15.98 -5.33 -3.69
C ILE B 132 16.42 -6.29 -2.58
N ILE B 133 16.43 -5.80 -1.34
CA ILE B 133 16.75 -6.61 -0.16
C ILE B 133 15.66 -7.67 0.02
N ARG B 134 16.01 -8.94 -0.21
CA ARG B 134 15.05 -10.04 -0.05
C ARG B 134 15.24 -10.77 1.28
N GLY B 139 4.24 -10.31 8.01
CA GLY B 139 3.94 -10.89 6.72
C GLY B 139 4.62 -12.22 6.50
N HIS B 140 3.84 -13.30 6.55
CA HIS B 140 4.36 -14.65 6.48
C HIS B 140 4.10 -15.33 5.15
N TRP B 141 3.51 -14.63 4.18
CA TRP B 141 3.26 -15.24 2.87
C TRP B 141 4.27 -14.81 1.82
N LEU B 142 4.72 -13.56 1.88
CA LEU B 142 5.67 -13.01 0.93
C LEU B 142 6.82 -12.36 1.66
N ASN B 143 7.98 -12.34 1.02
CA ASN B 143 9.05 -11.52 1.57
C ASN B 143 8.72 -10.05 1.31
N HIS B 144 9.13 -9.18 2.22
CA HIS B 144 8.75 -7.78 2.17
C HIS B 144 9.87 -6.95 1.57
N GLY B 145 9.60 -6.33 0.42
CA GLY B 145 10.59 -5.52 -0.24
C GLY B 145 10.45 -4.03 -0.03
N LYS B 146 9.49 -3.59 0.79
CA LYS B 146 9.12 -2.18 0.83
C LYS B 146 8.57 -1.84 2.20
N GLU B 147 8.50 -0.54 2.48
CA GLU B 147 7.76 0.00 3.61
C GLU B 147 6.82 1.09 3.12
N HIS B 148 5.77 1.32 3.88
CA HIS B 148 4.65 2.16 3.49
C HIS B 148 4.61 3.41 4.36
N CYS B 149 4.38 4.57 3.74
CA CYS B 149 4.12 5.81 4.46
C CYS B 149 2.81 6.40 3.97
N LEU B 150 1.78 6.40 4.82
CA LEU B 150 0.53 7.04 4.46
C LEU B 150 0.68 8.55 4.43
N VAL B 151 -0.05 9.19 3.52
CA VAL B 151 -0.06 10.65 3.39
C VAL B 151 -1.49 11.12 3.61
N GLY B 152 -1.71 11.89 4.68
CA GLY B 152 -3.02 12.41 5.02
C GLY B 152 -3.09 13.90 4.76
N VAL B 153 -4.28 14.40 4.45
CA VAL B 153 -4.45 15.84 4.32
C VAL B 153 -5.53 16.32 5.28
N LYS B 154 -5.29 17.50 5.86
CA LYS B 154 -6.23 18.15 6.75
C LYS B 154 -6.52 19.55 6.23
N GLY B 155 -7.79 19.95 6.25
CA GLY B 155 -8.16 21.25 5.77
C GLY B 155 -7.92 21.38 4.27
N ASN B 156 -7.52 22.59 3.86
CA ASN B 156 -7.29 22.92 2.45
C ASN B 156 -5.94 23.59 2.32
N PRO B 157 -4.86 22.82 2.26
CA PRO B 157 -3.54 23.44 2.15
C PRO B 157 -3.38 24.23 0.86
N GLN B 158 -2.77 25.40 0.99
CA GLN B 158 -2.58 26.31 -0.14
C GLN B 158 -1.10 26.62 -0.31
N GLY B 159 -0.65 26.64 -1.56
CA GLY B 159 0.71 26.99 -1.89
C GLY B 159 1.72 25.85 -1.78
N PHE B 160 1.27 24.62 -1.71
CA PHE B 160 2.19 23.50 -1.73
C PHE B 160 2.49 23.12 -3.18
N ASN B 161 3.61 22.44 -3.39
CA ASN B 161 4.03 22.04 -4.74
C ASN B 161 3.69 20.57 -4.98
N GLN B 162 2.41 20.31 -5.16
CA GLN B 162 1.94 18.94 -5.36
C GLN B 162 2.31 18.45 -6.76
N GLY B 163 2.75 17.19 -6.83
CA GLY B 163 3.11 16.57 -8.10
C GLY B 163 4.57 16.65 -8.49
N LEU B 164 5.43 17.24 -7.66
CA LEU B 164 6.84 17.36 -8.02
C LEU B 164 7.56 16.02 -7.92
N ASP B 165 7.29 15.25 -6.86
CA ASP B 165 7.88 13.95 -6.68
C ASP B 165 6.84 12.87 -6.95
N CYS B 166 7.31 11.67 -7.20
CA CYS B 166 6.42 10.52 -7.34
C CYS B 166 6.38 9.77 -6.02
N ASP B 167 5.54 8.73 -5.96
CA ASP B 167 5.19 8.08 -4.71
C ASP B 167 6.00 6.81 -4.45
N VAL B 168 7.15 6.63 -5.09
CA VAL B 168 8.03 5.50 -4.85
C VAL B 168 9.42 6.03 -4.49
N ILE B 169 9.96 5.59 -3.35
CA ILE B 169 11.35 5.88 -2.96
C ILE B 169 12.17 4.62 -3.18
N VAL B 170 13.34 4.78 -3.82
CA VAL B 170 14.30 3.69 -4.00
C VAL B 170 15.57 4.15 -3.29
N ALA B 171 15.93 3.46 -2.20
CA ALA B 171 17.05 3.92 -1.39
C ALA B 171 17.55 2.78 -0.52
N GLU B 172 18.81 2.90 -0.14
CA GLU B 172 19.50 1.82 0.56
C GLU B 172 19.03 1.76 2.01
N VAL B 173 18.85 0.54 2.51
CA VAL B 173 18.61 0.34 3.94
C VAL B 173 19.86 0.74 4.69
N ARG B 174 19.74 1.72 5.59
CA ARG B 174 20.87 2.09 6.42
C ARG B 174 20.83 1.27 7.71
N SER B 175 20.41 1.87 8.82
CA SER B 175 20.35 1.18 10.09
C SER B 175 18.96 0.57 10.28
N THR B 176 18.76 -0.06 11.44
CA THR B 176 17.51 -0.72 11.74
C THR B 176 16.46 0.30 12.15
N SER B 177 15.29 0.22 11.54
CA SER B 177 14.15 1.11 11.77
C SER B 177 14.48 2.54 11.36
N HIS B 178 15.58 2.75 10.65
CA HIS B 178 15.97 4.05 10.14
C HIS B 178 15.24 4.29 8.82
N LYS B 179 14.41 5.32 8.77
CA LYS B 179 13.69 5.73 7.57
C LYS B 179 14.62 6.45 6.60
N PRO B 180 14.32 6.41 5.28
CA PRO B 180 15.25 7.01 4.29
C PRO B 180 15.21 8.52 4.35
N ASP B 181 16.40 9.14 4.23
CA ASP B 181 16.49 10.60 4.25
C ASP B 181 15.82 11.26 3.07
N GLU B 182 15.56 10.52 1.98
CA GLU B 182 14.87 11.09 0.84
C GLU B 182 13.50 11.70 1.22
N ILE B 183 12.84 11.15 2.25
CA ILE B 183 11.52 11.67 2.62
C ILE B 183 11.60 13.15 2.99
N TYR B 184 12.70 13.59 3.62
CA TYR B 184 12.80 15.00 4.01
C TYR B 184 12.90 15.91 2.80
N GLY B 185 13.63 15.48 1.76
CA GLY B 185 13.75 16.33 0.59
C GLY B 185 12.45 16.40 -0.18
N MET B 186 11.73 15.28 -0.23
CA MET B 186 10.41 15.21 -0.86
C MET B 186 9.49 16.19 -0.17
N ILE B 187 9.53 16.19 1.17
CA ILE B 187 8.66 17.07 1.95
C ILE B 187 9.10 18.52 1.80
N GLU B 188 10.41 18.77 1.71
CA GLU B 188 10.90 20.14 1.54
C GLU B 188 10.50 20.71 0.17
N ARG B 189 10.58 19.90 -0.89
CA ARG B 189 10.14 20.41 -2.19
C ARG B 189 8.64 20.63 -2.20
N LEU B 190 7.90 19.78 -1.48
CA LEU B 190 6.46 19.93 -1.40
C LEU B 190 6.06 21.22 -0.68
N SER B 191 6.81 21.58 0.37
CA SER B 191 6.43 22.68 1.25
C SER B 191 7.70 23.38 1.73
N PRO B 192 8.37 24.12 0.84
CA PRO B 192 9.69 24.68 1.19
C PRO B 192 9.60 25.81 2.20
N GLY B 193 10.50 25.76 3.18
CA GLY B 193 10.66 26.82 4.16
C GLY B 193 9.65 26.82 5.29
N THR B 194 8.64 25.94 5.27
CA THR B 194 7.62 25.98 6.31
C THR B 194 8.06 25.18 7.54
N ARG B 195 7.32 25.36 8.64
CA ARG B 195 7.59 24.67 9.90
C ARG B 195 7.11 23.22 9.81
N LYS B 196 7.91 22.28 10.34
CA LYS B 196 7.54 20.87 10.32
C LYS B 196 7.84 20.25 11.67
N ILE B 197 7.12 19.18 11.99
CA ILE B 197 7.32 18.50 13.26
C ILE B 197 7.33 17.00 13.03
N GLU B 198 8.32 16.33 13.61
CA GLU B 198 8.48 14.88 13.54
C GLU B 198 8.26 14.26 14.91
N LEU B 199 7.36 13.27 14.98
CA LEU B 199 7.07 12.54 16.21
C LEU B 199 7.77 11.19 16.17
N PHE B 200 8.38 10.83 17.31
CA PHE B 200 9.10 9.56 17.48
C PHE B 200 10.36 9.51 16.62
N GLY B 201 10.98 10.68 16.46
CA GLY B 201 12.27 10.74 15.79
C GLY B 201 13.41 10.45 16.76
N ARG B 202 14.58 10.24 16.19
CA ARG B 202 15.79 9.96 16.95
C ARG B 202 16.84 11.01 16.58
N PRO B 203 17.98 11.07 17.28
CA PRO B 203 18.95 12.14 16.99
C PRO B 203 19.32 12.27 15.51
N HIS B 204 19.46 11.15 14.80
CA HIS B 204 19.81 11.21 13.38
C HIS B 204 18.70 11.83 12.53
N ASN B 205 17.51 12.06 13.09
CA ASN B 205 16.39 12.59 12.32
C ASN B 205 16.30 14.11 12.35
N VAL B 206 17.12 14.79 13.16
CA VAL B 206 16.93 16.24 13.31
C VAL B 206 17.34 16.92 12.02
N GLN B 207 16.58 17.94 11.62
CA GLN B 207 16.67 18.56 10.31
C GLN B 207 16.34 20.04 10.48
N PRO B 208 16.89 20.92 9.63
CA PRO B 208 16.43 22.30 9.60
C PRO B 208 14.95 22.38 9.24
N ASN B 209 14.27 23.39 9.80
CA ASN B 209 12.83 23.60 9.67
C ASN B 209 12.00 22.59 10.45
N TRP B 210 12.62 21.57 11.03
CA TRP B 210 11.92 20.54 11.78
C TRP B 210 12.12 20.73 13.29
N ILE B 211 11.07 20.48 14.06
CA ILE B 211 11.19 20.16 15.46
C ILE B 211 10.98 18.67 15.61
N THR B 212 11.90 18.00 16.30
CA THR B 212 11.88 16.55 16.46
C THR B 212 11.55 16.19 17.91
N LEU B 213 10.57 15.30 18.10
CA LEU B 213 10.18 14.83 19.43
C LEU B 213 10.47 13.35 19.57
N GLY B 214 11.00 12.98 20.73
CA GLY B 214 11.36 11.60 20.97
C GLY B 214 12.08 11.51 22.30
N ASN B 215 12.06 10.31 22.86
CA ASN B 215 12.59 10.10 24.21
C ASN B 215 14.06 9.67 24.24
N GLN B 216 14.71 9.53 23.08
CA GLN B 216 16.14 9.28 22.98
C GLN B 216 16.92 10.49 22.48
N LEU B 217 16.28 11.65 22.42
CA LEU B 217 17.00 12.84 22.05
C LEU B 217 17.72 13.40 23.27
N ASP B 218 18.73 14.22 23.02
CA ASP B 218 19.60 14.74 24.07
C ASP B 218 19.00 16.06 24.55
N GLY B 219 18.15 15.97 25.57
CA GLY B 219 17.62 17.17 26.22
C GLY B 219 16.62 17.96 25.37
N ILE B 220 16.60 19.27 25.62
CA ILE B 220 15.68 20.19 24.95
C ILE B 220 16.51 21.26 24.26
N HIS B 221 16.27 21.47 22.96
CA HIS B 221 17.02 22.44 22.16
C HIS B 221 16.03 23.21 21.28
N LEU B 222 15.59 24.38 21.76
CA LEU B 222 14.58 25.18 21.10
C LEU B 222 15.13 26.58 20.83
N LEU B 223 14.86 27.08 19.63
CA LEU B 223 15.47 28.31 19.12
C LEU B 223 14.41 29.30 18.65
N ASP B 224 13.28 28.77 18.19
CA ASP B 224 12.13 29.61 17.85
C ASP B 224 11.67 30.37 19.09
N PRO B 225 11.55 31.71 19.03
CA PRO B 225 11.19 32.46 20.25
C PRO B 225 9.75 32.23 20.71
N ASP B 226 8.79 32.09 19.79
CA ASP B 226 7.43 31.78 20.19
C ASP B 226 7.36 30.47 20.95
N VAL B 227 8.06 29.44 20.46
CA VAL B 227 8.06 28.13 21.13
C VAL B 227 8.75 28.22 22.49
N VAL B 228 9.90 28.91 22.55
CA VAL B 228 10.62 29.07 23.81
C VAL B 228 9.73 29.73 24.86
N ALA B 229 9.06 30.81 24.45
CA ALA B 229 8.17 31.53 25.36
C ALA B 229 7.07 30.61 25.89
N ARG B 230 6.37 29.92 25.00
CA ARG B 230 5.28 29.06 25.44
C ARG B 230 5.80 27.85 26.22
N PHE B 231 7.01 27.39 25.92
CA PHE B 231 7.56 26.26 26.69
C PHE B 231 7.88 26.68 28.11
N LYS B 232 8.57 27.82 28.27
CA LYS B 232 8.82 28.36 29.61
C LYS B 232 7.54 28.53 30.41
N GLN B 233 6.51 29.13 29.79
CA GLN B 233 5.25 29.37 30.50
C GLN B 233 4.59 28.05 30.93
N ARG B 234 4.55 27.07 30.04
CA ARG B 234 3.94 25.78 30.36
C ARG B 234 4.81 24.90 31.24
N TYR B 235 6.14 24.98 31.10
CA TYR B 235 7.08 24.15 31.85
C TYR B 235 8.15 25.03 32.51
N PRO B 236 7.76 25.84 33.51
CA PRO B 236 8.72 26.79 34.10
C PRO B 236 9.95 26.15 34.71
N ASP B 237 9.81 24.94 35.25
CA ASP B 237 10.93 24.23 35.86
C ASP B 237 11.56 23.21 34.90
N GLY B 238 11.21 23.26 33.62
CA GLY B 238 11.88 22.48 32.61
C GLY B 238 11.59 21.00 32.63
N ILE B 239 10.46 20.59 33.19
CA ILE B 239 10.16 19.18 33.42
C ILE B 239 8.75 18.87 32.91
N ILE B 240 8.63 17.76 32.18
CA ILE B 240 7.39 17.30 31.56
C ILE B 240 6.98 16.01 32.26
N SER B 241 5.83 16.02 32.93
CA SER B 241 5.46 14.94 33.85
C SER B 241 4.25 14.12 33.39
N LYS B 242 3.07 14.74 33.28
CA LYS B 242 1.87 13.99 32.92
C LYS B 242 0.79 14.86 32.27
#